data_5U79
#
_entry.id   5U79
#
_cell.length_a   38.585
_cell.length_b   89.236
_cell.length_c   54.680
_cell.angle_alpha   90.000
_cell.angle_beta   98.480
_cell.angle_gamma   90.000
#
_symmetry.space_group_name_H-M   'P 1 21 1'
#
loop_
_entity.id
_entity.type
_entity.pdbx_description
1 polymer 'Alkylmercury lyase'
2 non-polymer 'Dimethyltin dibromide'
3 non-polymer 'BROMIDE ION'
4 non-polymer 'ACETATE ION'
5 water water
#
_entity_poly.entity_id   1
_entity_poly.type   'polypeptide(L)'
_entity_poly.pdbx_seq_one_letter_code
;MKLAPYILELLTSVNRTNGTADLLVPLLRELAKGRPVSRTTLAGILDWPAERVAAVLEQATSTEYDKDGNIIGYGLTLRE
TSYVFEIDDRRLYAWCALDTLIFPALIGRTARVSSHCAATGAPVSLTVSPSEIQAVEPAGMAVSLVLPQEAADVRQSFCC
HVHFFASVPTAEDWASKHQGLEGLAIVSVHEAFGLGQEFNRHLLQTMSSRTP
;
_entity_poly.pdbx_strand_id   A,B
#
loop_
_chem_comp.id
_chem_comp.type
_chem_comp.name
_chem_comp.formula
ACT non-polymer 'ACETATE ION' 'C2 H3 O2 -1'
BR non-polymer 'BROMIDE ION' 'Br -1'
ZN5 non-polymer 'Dimethyltin dibromide' 'C2 H6 Br2 Sn'
#
# COMPACT_ATOMS: atom_id res chain seq x y z
N MET A 1 -25.61 9.35 2.43
CA MET A 1 -25.99 10.24 3.55
C MET A 1 -25.62 11.70 3.22
N LYS A 2 -25.39 12.51 4.25
CA LYS A 2 -24.99 13.90 4.04
C LYS A 2 -23.50 13.91 3.70
N LEU A 3 -23.18 13.91 2.41
CA LEU A 3 -21.79 13.69 2.06
C LEU A 3 -21.07 14.97 1.67
N ALA A 4 -21.70 16.13 1.92
CA ALA A 4 -21.04 17.40 1.60
C ALA A 4 -19.64 17.55 2.24
N PRO A 5 -19.44 17.08 3.49
CA PRO A 5 -18.10 17.28 4.06
C PRO A 5 -17.01 16.53 3.29
N TYR A 6 -17.35 15.37 2.73
CA TYR A 6 -16.38 14.60 1.97
C TYR A 6 -16.13 15.21 0.59
N ILE A 7 -17.20 15.66 -0.06
CA ILE A 7 -17.05 16.30 -1.36
C ILE A 7 -16.12 17.47 -1.18
N LEU A 8 -16.40 18.27 -0.17
CA LEU A 8 -15.68 19.51 0.05
C LEU A 8 -14.20 19.28 0.29
N GLU A 9 -13.86 18.34 1.16
CA GLU A 9 -12.45 18.10 1.47
C GLU A 9 -11.72 17.44 0.30
N LEU A 10 -12.41 16.57 -0.44
CA LEU A 10 -11.78 15.98 -1.64
C LEU A 10 -11.43 17.05 -2.67
N LEU A 11 -12.33 17.99 -2.89
CA LEU A 11 -12.02 19.08 -3.80
C LEU A 11 -10.93 20.02 -3.28
N THR A 12 -10.93 20.29 -1.99
CA THR A 12 -9.93 21.21 -1.47
C THR A 12 -8.56 20.60 -1.70
N SER A 13 -8.47 19.28 -1.61
CA SER A 13 -7.18 18.64 -1.79
C SER A 13 -6.71 18.72 -3.25
N VAL A 14 -7.62 18.62 -4.21
CA VAL A 14 -7.25 18.84 -5.60
C VAL A 14 -6.93 20.31 -5.87
N ASN A 15 -7.73 21.22 -5.31
CA ASN A 15 -7.54 22.65 -5.54
C ASN A 15 -6.37 23.27 -4.78
N ARG A 16 -5.82 22.53 -3.82
CA ARG A 16 -4.72 22.99 -2.98
C ARG A 16 -3.47 23.35 -3.78
N THR A 17 -3.16 22.54 -4.79
CA THR A 17 -2.00 22.75 -5.64
C THR A 17 -2.48 23.05 -7.07
N ASN A 18 -2.19 24.25 -7.56
CA ASN A 18 -2.70 24.68 -8.85
C ASN A 18 -2.25 23.72 -9.96
N GLY A 19 -3.17 23.38 -10.86
CA GLY A 19 -2.86 22.51 -11.98
C GLY A 19 -3.10 21.03 -11.72
N THR A 20 -3.30 20.63 -10.46
CA THR A 20 -3.55 19.22 -10.12
C THR A 20 -4.72 18.67 -10.93
N ALA A 21 -5.83 19.40 -10.99
CA ALA A 21 -6.99 18.92 -11.73
C ALA A 21 -6.72 18.85 -13.22
N ASP A 22 -6.04 19.86 -13.76
CA ASP A 22 -5.73 19.91 -15.19
C ASP A 22 -4.82 18.74 -15.59
N LEU A 23 -4.00 18.31 -14.66
CA LEU A 23 -3.06 17.22 -14.96
C LEU A 23 -3.71 15.84 -14.73
N LEU A 24 -4.60 15.74 -13.74
CA LEU A 24 -5.20 14.45 -13.31
C LEU A 24 -5.87 13.68 -14.43
N VAL A 25 -6.80 14.32 -15.11
CA VAL A 25 -7.61 13.63 -16.10
C VAL A 25 -6.74 13.14 -17.26
N PRO A 26 -5.88 13.99 -17.81
CA PRO A 26 -5.02 13.45 -18.86
C PRO A 26 -4.11 12.32 -18.43
N LEU A 27 -3.57 12.40 -17.22
CA LEU A 27 -2.72 11.34 -16.70
C LEU A 27 -3.52 10.06 -16.54
N LEU A 28 -4.73 10.14 -15.99
CA LEU A 28 -5.57 8.92 -15.83
C LEU A 28 -5.85 8.26 -17.17
N ARG A 29 -6.14 9.07 -18.19
CA ARG A 29 -6.43 8.51 -19.51
C ARG A 29 -5.22 7.80 -20.11
N GLU A 30 -4.04 8.37 -19.90
CA GLU A 30 -2.83 7.75 -20.39
C GLU A 30 -2.52 6.48 -19.59
N LEU A 31 -2.60 6.54 -18.27
CA LEU A 31 -2.37 5.32 -17.47
C LEU A 31 -3.34 4.21 -17.82
N ALA A 32 -4.54 4.59 -18.23
CA ALA A 32 -5.57 3.59 -18.56
C ALA A 32 -5.16 2.72 -19.73
N LYS A 33 -4.19 3.17 -20.52
CA LYS A 33 -3.66 2.38 -21.61
C LYS A 33 -2.80 1.20 -21.13
N GLY A 34 -2.45 1.19 -19.85
CA GLY A 34 -1.74 0.06 -19.26
C GLY A 34 -0.23 0.12 -19.29
N ARG A 35 0.32 1.27 -19.63
CA ARG A 35 1.78 1.44 -19.72
C ARG A 35 2.28 2.61 -18.88
N PRO A 36 3.54 2.55 -18.44
CA PRO A 36 4.12 3.70 -17.72
C PRO A 36 4.03 5.00 -18.51
N VAL A 37 3.89 6.13 -17.83
CA VAL A 37 3.74 7.45 -18.45
C VAL A 37 4.90 8.38 -18.07
N SER A 38 5.68 8.84 -19.04
CA SER A 38 6.81 9.72 -18.72
C SER A 38 6.36 11.15 -18.47
N ARG A 39 7.15 11.88 -17.71
CA ARG A 39 6.92 13.29 -17.49
C ARG A 39 6.91 14.05 -18.79
N THR A 40 7.78 13.66 -19.72
CA THR A 40 7.87 14.36 -20.99
C THR A 40 6.60 14.14 -21.80
N THR A 41 6.06 12.92 -21.75
CA THR A 41 4.84 12.59 -22.46
C THR A 41 3.71 13.46 -21.91
N LEU A 42 3.66 13.57 -20.59
CA LEU A 42 2.61 14.32 -19.93
C LEU A 42 2.68 15.80 -20.31
N ALA A 43 3.88 16.37 -20.33
CA ALA A 43 4.08 17.76 -20.75
C ALA A 43 3.49 18.01 -22.15
N GLY A 44 3.74 17.05 -23.04
CA GLY A 44 3.31 17.12 -24.42
C GLY A 44 1.79 17.17 -24.53
N ILE A 45 1.14 16.29 -23.79
CA ILE A 45 -0.32 16.19 -23.76
C ILE A 45 -0.95 17.46 -23.17
N LEU A 46 -0.36 18.00 -22.12
CA LEU A 46 -0.89 19.19 -21.44
C LEU A 46 -0.50 20.49 -22.11
N ASP A 47 0.53 20.44 -22.95
CA ASP A 47 1.22 21.61 -23.48
C ASP A 47 1.73 22.49 -22.35
N TRP A 48 2.39 21.86 -21.39
CA TRP A 48 3.02 22.58 -20.28
C TRP A 48 4.52 22.51 -20.37
N PRO A 49 5.21 23.53 -19.82
CA PRO A 49 6.64 23.41 -19.53
C PRO A 49 6.90 22.19 -18.65
N ALA A 50 8.02 21.52 -18.84
CA ALA A 50 8.39 20.38 -17.99
C ALA A 50 8.42 20.78 -16.54
N GLU A 51 8.85 22.03 -16.30
CA GLU A 51 9.05 22.54 -14.95
C GLU A 51 7.71 22.52 -14.23
N ARG A 52 6.65 22.79 -14.98
CA ARG A 52 5.30 22.88 -14.46
C ARG A 52 4.77 21.48 -14.10
N VAL A 53 4.98 20.52 -15.00
CA VAL A 53 4.55 19.16 -14.75
C VAL A 53 5.23 18.65 -13.49
N ALA A 54 6.52 18.89 -13.39
CA ALA A 54 7.31 18.45 -12.25
C ALA A 54 6.84 19.02 -10.90
N ALA A 55 6.48 20.29 -10.86
CA ALA A 55 6.05 20.91 -9.61
C ALA A 55 4.75 20.28 -9.09
N VAL A 56 3.79 20.08 -9.99
CA VAL A 56 2.50 19.49 -9.60
C VAL A 56 2.77 18.11 -9.05
N LEU A 57 3.60 17.35 -9.76
CA LEU A 57 3.87 15.98 -9.33
C LEU A 57 4.60 15.92 -7.99
N GLU A 58 5.45 16.90 -7.69
CA GLU A 58 6.17 16.85 -6.42
C GLU A 58 5.24 17.11 -5.23
N GLN A 59 4.15 17.81 -5.47
CA GLN A 59 3.15 18.00 -4.43
C GLN A 59 2.32 16.74 -4.22
N ALA A 60 2.31 15.86 -5.21
CA ALA A 60 1.52 14.63 -5.12
C ALA A 60 2.41 13.51 -4.61
N THR A 61 2.57 13.51 -3.30
CA THR A 61 3.62 12.74 -2.66
C THR A 61 3.37 11.22 -2.65
N SER A 62 2.17 10.79 -3.03
CA SER A 62 1.91 9.35 -3.11
C SER A 62 2.16 8.76 -4.50
N THR A 63 2.45 9.62 -5.47
CA THR A 63 2.67 9.17 -6.85
C THR A 63 3.67 8.03 -6.92
N GLU A 64 3.35 7.00 -7.72
CA GLU A 64 4.21 5.84 -7.85
C GLU A 64 5.02 5.91 -9.15
N TYR A 65 6.30 5.58 -9.03
CA TYR A 65 7.23 5.59 -10.17
C TYR A 65 7.89 4.25 -10.38
N ASP A 66 8.28 4.00 -11.63
CA ASP A 66 9.04 2.82 -11.94
C ASP A 66 10.53 3.10 -11.99
N LYS A 67 11.27 2.09 -12.37
CA LYS A 67 12.72 2.13 -12.35
C LYS A 67 13.32 3.25 -13.23
N ASP A 68 12.52 3.77 -14.14
CA ASP A 68 12.94 4.82 -15.05
C ASP A 68 12.43 6.20 -14.66
N GLY A 69 11.74 6.28 -13.54
CA GLY A 69 11.09 7.50 -13.14
C GLY A 69 9.83 7.82 -13.93
N ASN A 70 9.32 6.86 -14.71
CA ASN A 70 8.00 7.01 -15.33
C ASN A 70 6.92 6.91 -14.27
N ILE A 71 5.82 7.59 -14.48
CA ILE A 71 4.67 7.45 -13.61
C ILE A 71 3.96 6.12 -13.86
N ILE A 72 3.71 5.35 -12.80
CA ILE A 72 2.94 4.12 -12.96
C ILE A 72 1.73 4.08 -12.00
N GLY A 73 1.59 5.07 -11.11
CA GLY A 73 0.43 5.11 -10.23
C GLY A 73 0.08 6.51 -9.76
N TYR A 74 -1.17 6.88 -9.96
CA TYR A 74 -1.72 8.13 -9.47
C TYR A 74 -3.22 7.90 -9.38
N GLY A 75 -3.66 7.26 -8.29
CA GLY A 75 -5.02 6.81 -8.13
C GLY A 75 -5.30 5.53 -8.89
N LEU A 76 -5.15 5.61 -10.19
CA LEU A 76 -5.10 4.45 -11.06
C LEU A 76 -3.65 4.03 -11.14
N THR A 77 -3.40 2.73 -11.03
CA THR A 77 -2.04 2.26 -10.98
C THR A 77 -1.82 0.94 -11.66
N LEU A 78 -0.60 0.74 -12.16
CA LEU A 78 -0.19 -0.56 -12.73
C LEU A 78 0.33 -1.53 -11.66
N ARG A 79 0.56 -1.04 -10.44
CA ARG A 79 1.03 -1.86 -9.34
C ARG A 79 -0.14 -2.48 -8.59
N GLU A 80 -0.07 -3.78 -8.32
CA GLU A 80 -1.19 -4.47 -7.72
C GLU A 80 -1.65 -3.88 -6.39
N THR A 81 -2.96 -3.74 -6.26
CA THR A 81 -3.63 -3.41 -5.04
C THR A 81 -4.80 -4.38 -4.80
N SER A 82 -5.57 -4.08 -3.75
CA SER A 82 -6.78 -4.82 -3.39
C SER A 82 -7.98 -4.49 -4.30
N TYR A 83 -7.81 -3.48 -5.14
CA TYR A 83 -8.89 -2.96 -5.98
C TYR A 83 -8.54 -3.15 -7.44
N VAL A 84 -9.12 -4.20 -8.00
CA VAL A 84 -8.92 -4.53 -9.39
C VAL A 84 -9.87 -3.73 -10.27
N PHE A 85 -9.30 -3.13 -11.31
CA PHE A 85 -9.99 -2.24 -12.23
C PHE A 85 -9.70 -2.66 -13.65
N GLU A 86 -10.55 -3.50 -14.22
CA GLU A 86 -10.26 -4.08 -15.53
C GLU A 86 -10.98 -3.32 -16.64
N ILE A 87 -10.23 -2.84 -17.63
CA ILE A 87 -10.82 -2.22 -18.82
C ILE A 87 -10.27 -2.93 -20.08
N ASP A 88 -11.19 -3.25 -20.99
CA ASP A 88 -10.98 -4.17 -22.10
C ASP A 88 -9.74 -5.06 -21.93
N ASP A 89 -9.88 -5.99 -20.98
CA ASP A 89 -8.96 -7.10 -20.77
C ASP A 89 -7.57 -6.68 -20.27
N ARG A 90 -7.40 -5.41 -19.95
CA ARG A 90 -6.24 -4.93 -19.22
C ARG A 90 -6.63 -4.82 -17.77
N ARG A 91 -5.94 -5.59 -16.94
CA ARG A 91 -6.13 -5.49 -15.51
C ARG A 91 -5.25 -4.35 -14.97
N LEU A 92 -5.91 -3.30 -14.48
CA LEU A 92 -5.23 -2.24 -13.76
C LEU A 92 -5.74 -2.29 -12.35
N TYR A 93 -5.29 -1.37 -11.51
CA TYR A 93 -5.63 -1.36 -10.11
C TYR A 93 -5.94 0.05 -9.66
N ALA A 94 -6.57 0.21 -8.48
CA ALA A 94 -6.89 1.52 -7.97
C ALA A 94 -6.43 1.58 -6.51
N TRP A 95 -6.14 2.78 -6.02
CA TRP A 95 -5.70 2.94 -4.64
C TRP A 95 -6.77 2.70 -3.59
N CYS A 96 -8.04 2.89 -3.94
CA CYS A 96 -9.14 2.67 -3.00
C CYS A 96 -10.49 2.48 -3.66
N ALA A 97 -11.48 2.15 -2.84
CA ALA A 97 -12.79 1.79 -3.37
C ALA A 97 -13.41 2.98 -4.12
N LEU A 98 -13.28 4.18 -3.57
CA LEU A 98 -13.90 5.32 -4.21
C LEU A 98 -13.29 5.66 -5.57
N ASP A 99 -11.98 5.44 -5.71
CA ASP A 99 -11.27 5.65 -6.97
C ASP A 99 -11.93 4.81 -8.06
N THR A 100 -12.28 3.56 -7.75
CA THR A 100 -12.86 2.72 -8.80
C THR A 100 -14.22 3.22 -9.28
N LEU A 101 -14.89 4.03 -8.47
CA LEU A 101 -16.19 4.55 -8.82
C LEU A 101 -16.13 5.88 -9.61
N ILE A 102 -15.03 6.61 -9.39
CA ILE A 102 -14.75 7.91 -10.02
C ILE A 102 -14.16 7.79 -11.41
N PHE A 103 -13.17 6.89 -11.58
CA PHE A 103 -12.40 6.89 -12.81
C PHE A 103 -13.17 6.60 -14.11
N PRO A 104 -14.14 5.68 -14.11
CA PRO A 104 -14.80 5.40 -15.40
C PRO A 104 -15.33 6.65 -16.13
N ALA A 105 -16.00 7.57 -15.42
CA ALA A 105 -16.47 8.77 -16.07
C ALA A 105 -15.31 9.62 -16.57
N LEU A 106 -14.20 9.62 -15.86
CA LEU A 106 -13.10 10.49 -16.23
C LEU A 106 -12.31 9.97 -17.42
N ILE A 107 -12.21 8.65 -17.57
CA ILE A 107 -11.52 8.09 -18.72
C ILE A 107 -12.45 7.66 -19.86
N GLY A 108 -13.77 7.70 -19.62
CA GLY A 108 -14.73 7.38 -20.65
C GLY A 108 -14.78 5.90 -21.01
N ARG A 109 -14.64 5.04 -20.00
CA ARG A 109 -14.62 3.58 -20.20
C ARG A 109 -15.42 2.91 -19.10
N THR A 110 -15.98 1.75 -19.41
CA THR A 110 -16.62 0.92 -18.40
C THR A 110 -15.60 -0.06 -17.83
N ALA A 111 -15.62 -0.24 -16.51
CA ALA A 111 -14.67 -1.10 -15.83
C ALA A 111 -15.35 -2.21 -15.04
N ARG A 112 -14.73 -3.40 -15.10
CA ARG A 112 -15.09 -4.50 -14.23
C ARG A 112 -14.21 -4.43 -12.99
N VAL A 113 -14.85 -4.05 -11.89
CA VAL A 113 -14.17 -3.81 -10.64
C VAL A 113 -14.37 -5.00 -9.69
N SER A 114 -13.31 -5.38 -8.97
CA SER A 114 -13.43 -6.47 -8.03
C SER A 114 -12.50 -6.21 -6.88
N SER A 115 -12.90 -6.73 -5.72
CA SER A 115 -12.13 -6.59 -4.50
C SER A 115 -12.58 -7.68 -3.52
N HIS A 116 -12.21 -7.49 -2.25
CA HIS A 116 -12.71 -8.29 -1.15
C HIS A 116 -13.20 -7.40 -0.03
N CYS A 117 -14.25 -7.85 0.63
CA CYS A 117 -14.81 -7.16 1.78
C CYS A 117 -13.73 -7.00 2.84
N ALA A 118 -13.53 -5.79 3.34
CA ALA A 118 -12.48 -5.56 4.33
C ALA A 118 -12.81 -6.13 5.70
N ALA A 119 -14.09 -6.46 5.93
CA ALA A 119 -14.53 -6.99 7.23
C ALA A 119 -14.54 -8.51 7.23
N THR A 120 -14.84 -9.13 6.08
CA THR A 120 -15.11 -10.58 6.08
C THR A 120 -14.31 -11.36 5.02
N GLY A 121 -13.66 -10.64 4.11
CA GLY A 121 -12.89 -11.24 3.04
C GLY A 121 -13.74 -11.76 1.88
N ALA A 122 -15.05 -11.59 1.98
CA ALA A 122 -15.93 -12.04 0.88
C ALA A 122 -15.61 -11.31 -0.43
N PRO A 123 -15.67 -12.01 -1.56
CA PRO A 123 -15.51 -11.35 -2.85
C PRO A 123 -16.61 -10.34 -3.08
N VAL A 124 -16.21 -9.21 -3.66
CA VAL A 124 -17.16 -8.21 -4.10
C VAL A 124 -16.78 -7.81 -5.53
N SER A 125 -17.80 -7.49 -6.33
CA SER A 125 -17.55 -7.06 -7.70
C SER A 125 -18.74 -6.26 -8.23
N LEU A 126 -18.44 -5.41 -9.20
CA LEU A 126 -19.45 -4.58 -9.84
C LEU A 126 -18.89 -4.05 -11.15
N THR A 127 -19.81 -3.59 -12.00
CA THR A 127 -19.46 -2.99 -13.26
C THR A 127 -19.75 -1.50 -13.14
N VAL A 128 -18.74 -0.69 -13.39
CA VAL A 128 -18.83 0.77 -13.24
C VAL A 128 -18.64 1.44 -14.58
N SER A 129 -19.68 2.14 -15.04
CA SER A 129 -19.58 2.87 -16.30
C SER A 129 -19.60 4.35 -15.95
N PRO A 130 -19.46 5.19 -16.97
CA PRO A 130 -19.45 6.63 -16.69
C PRO A 130 -20.73 7.11 -16.02
N SER A 131 -21.85 6.44 -16.29
CA SER A 131 -23.15 6.91 -15.81
C SER A 131 -23.79 6.09 -14.68
N GLU A 132 -23.35 4.86 -14.49
CA GLU A 132 -24.10 3.96 -13.63
C GLU A 132 -23.27 2.79 -13.14
N ILE A 133 -23.77 2.15 -12.08
CA ILE A 133 -23.23 0.85 -11.69
C ILE A 133 -24.26 -0.24 -11.95
N GLN A 134 -23.73 -1.42 -12.27
CA GLN A 134 -24.53 -2.64 -12.50
C GLN A 134 -23.80 -3.84 -11.97
N ALA A 135 -24.52 -4.95 -11.90
CA ALA A 135 -23.92 -6.23 -11.53
C ALA A 135 -23.27 -6.11 -10.17
N VAL A 136 -23.95 -5.42 -9.26
CA VAL A 136 -23.43 -5.20 -7.92
C VAL A 136 -23.56 -6.48 -7.08
N GLU A 137 -22.42 -7.05 -6.69
CA GLU A 137 -22.41 -8.33 -5.95
C GLU A 137 -21.52 -8.24 -4.70
N PRO A 138 -22.10 -8.34 -3.49
CA PRO A 138 -23.55 -8.45 -3.20
C PRO A 138 -24.29 -7.16 -3.43
N ALA A 139 -25.61 -7.25 -3.63
CA ALA A 139 -26.40 -6.06 -3.94
C ALA A 139 -26.23 -4.99 -2.86
N GLY A 140 -25.99 -5.43 -1.63
CA GLY A 140 -25.92 -4.52 -0.50
C GLY A 140 -24.53 -3.95 -0.21
N MET A 141 -23.60 -4.15 -1.12
CA MET A 141 -22.22 -3.64 -1.00
C MET A 141 -22.16 -2.21 -0.47
N ALA A 142 -21.18 -2.01 0.40
CA ALA A 142 -20.95 -0.76 1.09
C ALA A 142 -19.53 -0.29 0.89
N VAL A 143 -19.32 0.97 1.23
CA VAL A 143 -18.01 1.63 1.14
C VAL A 143 -17.78 2.40 2.44
N SER A 144 -16.57 2.37 2.97
CA SER A 144 -16.17 3.28 4.06
C SER A 144 -15.56 4.57 3.52
N LEU A 145 -15.86 5.69 4.20
CA LEU A 145 -15.31 6.99 3.90
C LEU A 145 -14.62 7.52 5.14
N VAL A 146 -13.54 8.29 4.98
CA VAL A 146 -12.99 9.06 6.10
C VAL A 146 -12.81 10.48 5.57
N LEU A 147 -12.57 11.44 6.45
CA LEU A 147 -12.33 12.79 5.96
C LEU A 147 -10.88 12.96 5.55
N PRO A 148 -10.65 13.42 4.30
CA PRO A 148 -9.29 13.80 3.90
C PRO A 148 -8.67 14.84 4.84
N GLN A 149 -7.35 14.81 4.97
CA GLN A 149 -6.56 15.76 5.79
C GLN A 149 -5.58 16.57 4.95
N GLU A 150 -5.40 17.85 5.27
CA GLU A 150 -4.42 18.68 4.54
C GLU A 150 -3.00 18.27 4.91
N ALA A 151 -2.13 18.31 3.92
CA ALA A 151 -0.71 18.03 4.12
C ALA A 151 -0.44 16.65 4.74
N ALA A 152 -1.42 15.76 4.69
CA ALA A 152 -1.21 14.36 5.09
C ALA A 152 -1.03 13.52 3.82
N ASP A 153 -0.27 12.43 3.95
CA ASP A 153 -0.07 11.48 2.84
C ASP A 153 -1.42 10.89 2.43
N VAL A 154 -1.80 11.03 1.15
CA VAL A 154 -3.17 10.73 0.75
C VAL A 154 -3.47 9.24 0.83
N ARG A 155 -2.50 8.41 0.50
CA ARG A 155 -2.76 6.98 0.55
C ARG A 155 -2.87 6.49 1.98
N GLN A 156 -2.01 7.00 2.85
CA GLN A 156 -1.99 6.56 4.23
C GLN A 156 -3.10 7.22 5.09
N SER A 157 -3.54 8.43 4.73
CA SER A 157 -4.58 9.11 5.52
C SER A 157 -6.00 8.88 4.97
N PHE A 158 -6.13 8.62 3.68
CA PHE A 158 -7.44 8.48 3.08
C PHE A 158 -7.63 7.10 2.42
N CYS A 159 -6.85 6.86 1.38
CA CYS A 159 -7.14 5.71 0.52
C CYS A 159 -7.16 4.41 1.29
N CYS A 160 -6.25 4.28 2.26
N CYS A 160 -6.25 4.30 2.26
CA CYS A 160 -6.12 3.00 2.93
CA CYS A 160 -6.08 3.05 2.99
C CYS A 160 -7.24 2.72 3.93
C CYS A 160 -7.27 2.71 3.90
N HIS A 161 -8.18 3.66 4.09
CA HIS A 161 -9.35 3.42 4.96
C HIS A 161 -10.66 3.40 4.21
N VAL A 162 -10.59 3.46 2.87
CA VAL A 162 -11.75 3.58 2.01
C VAL A 162 -11.85 2.24 1.26
N HIS A 163 -12.68 1.37 1.82
CA HIS A 163 -12.77 -0.05 1.41
C HIS A 163 -14.14 -0.38 0.88
N PHE A 164 -14.26 -1.50 0.20
CA PHE A 164 -15.54 -2.14 -0.03
C PHE A 164 -15.87 -3.12 1.08
N PHE A 165 -17.17 -3.27 1.32
CA PHE A 165 -17.69 -4.23 2.29
C PHE A 165 -18.85 -5.00 1.69
N ALA A 166 -19.09 -6.21 2.18
CA ALA A 166 -20.21 -7.01 1.69
C ALA A 166 -21.61 -6.41 1.96
N SER A 167 -21.73 -5.60 3.02
CA SER A 167 -23.01 -4.99 3.37
C SER A 167 -22.81 -3.82 4.29
N VAL A 168 -23.84 -2.98 4.42
CA VAL A 168 -23.76 -1.85 5.33
C VAL A 168 -23.68 -2.33 6.80
N PRO A 169 -24.53 -3.29 7.20
CA PRO A 169 -24.41 -3.76 8.59
C PRO A 169 -23.04 -4.43 8.91
N THR A 170 -22.49 -5.16 7.96
CA THR A 170 -21.16 -5.73 8.09
C THR A 170 -20.13 -4.62 8.24
N ALA A 171 -20.26 -3.61 7.38
CA ALA A 171 -19.36 -2.47 7.43
C ALA A 171 -19.54 -1.67 8.73
N GLU A 172 -20.78 -1.49 9.17
CA GLU A 172 -21.01 -0.77 10.42
C GLU A 172 -20.45 -1.49 11.64
N ASP A 173 -20.49 -2.82 11.68
CA ASP A 173 -19.87 -3.59 12.74
C ASP A 173 -18.35 -3.36 12.75
N TRP A 174 -17.77 -3.37 11.56
CA TRP A 174 -16.35 -3.08 11.40
C TRP A 174 -16.03 -1.66 11.86
N ALA A 175 -16.90 -0.70 11.52
CA ALA A 175 -16.59 0.70 11.80
C ALA A 175 -16.61 0.96 13.29
N SER A 176 -17.43 0.21 14.01
CA SER A 176 -17.55 0.40 15.47
C SER A 176 -16.24 0.07 16.16
N LYS A 177 -15.37 -0.66 15.47
CA LYS A 177 -14.07 -0.98 16.01
C LYS A 177 -12.96 -0.01 15.60
N HIS A 178 -13.27 0.93 14.71
CA HIS A 178 -12.28 1.86 14.14
C HIS A 178 -12.72 3.33 14.28
N GLN A 179 -13.27 3.67 15.45
CA GLN A 179 -13.85 4.99 15.63
C GLN A 179 -12.80 6.08 15.84
N GLY A 180 -11.56 5.69 15.99
CA GLY A 180 -10.44 6.61 15.95
C GLY A 180 -10.17 7.25 14.59
N LEU A 181 -10.80 6.75 13.53
CA LEU A 181 -10.58 7.32 12.19
C LEU A 181 -11.44 8.55 12.00
N GLU A 182 -10.81 9.69 11.69
CA GLU A 182 -11.54 10.95 11.62
C GLU A 182 -12.58 10.94 10.52
N GLY A 183 -13.84 11.15 10.91
CA GLY A 183 -14.91 11.27 9.95
C GLY A 183 -15.33 9.93 9.38
N LEU A 184 -15.01 8.83 10.06
CA LEU A 184 -15.37 7.52 9.53
C LEU A 184 -16.87 7.42 9.35
N ALA A 185 -17.28 7.08 8.13
CA ALA A 185 -18.70 6.84 7.81
C ALA A 185 -18.84 5.67 6.85
N ILE A 186 -19.96 4.97 6.98
CA ILE A 186 -20.33 3.88 6.10
C ILE A 186 -21.49 4.31 5.20
N VAL A 187 -21.33 4.11 3.90
CA VAL A 187 -22.40 4.36 2.93
C VAL A 187 -22.55 3.14 2.02
N SER A 188 -23.70 3.04 1.36
CA SER A 188 -23.90 2.06 0.31
C SER A 188 -23.02 2.40 -0.87
N VAL A 189 -22.70 1.41 -1.68
CA VAL A 189 -21.93 1.66 -2.89
C VAL A 189 -22.68 2.61 -3.84
N HIS A 190 -24.02 2.62 -3.82
CA HIS A 190 -24.74 3.57 -4.67
C HIS A 190 -24.50 5.01 -4.16
N GLU A 191 -24.53 5.20 -2.84
CA GLU A 191 -24.25 6.51 -2.27
C GLU A 191 -22.82 6.94 -2.58
N ALA A 192 -21.90 6.00 -2.56
CA ALA A 192 -20.50 6.31 -2.87
C ALA A 192 -20.34 6.69 -4.33
N PHE A 193 -21.10 6.06 -5.20
CA PHE A 193 -21.00 6.35 -6.62
C PHE A 193 -21.54 7.76 -6.86
N GLY A 194 -22.61 8.09 -6.16
CA GLY A 194 -23.12 9.45 -6.18
C GLY A 194 -22.13 10.49 -5.70
N LEU A 195 -21.38 10.14 -4.67
CA LEU A 195 -20.33 11.04 -4.20
C LEU A 195 -19.28 11.25 -5.26
N GLY A 196 -18.85 10.16 -5.90
CA GLY A 196 -17.93 10.25 -7.02
C GLY A 196 -18.46 11.13 -8.16
N GLN A 197 -19.76 11.04 -8.45
CA GLN A 197 -20.33 11.89 -9.50
C GLN A 197 -20.25 13.37 -9.14
N GLU A 198 -20.52 13.70 -7.89
CA GLU A 198 -20.39 15.08 -7.47
C GLU A 198 -18.94 15.54 -7.50
N PHE A 199 -18.02 14.68 -7.07
CA PHE A 199 -16.61 15.00 -7.17
C PHE A 199 -16.22 15.31 -8.62
N ASN A 200 -16.59 14.42 -9.52
CA ASN A 200 -16.23 14.58 -10.90
C ASN A 200 -16.85 15.85 -11.49
N ARG A 201 -18.07 16.17 -11.10
CA ARG A 201 -18.74 17.35 -11.63
C ARG A 201 -17.97 18.59 -11.26
N HIS A 202 -17.59 18.66 -10.00
CA HIS A 202 -16.86 19.82 -9.51
C HIS A 202 -15.48 19.86 -10.12
N LEU A 203 -14.86 18.69 -10.26
CA LEU A 203 -13.55 18.60 -10.88
C LEU A 203 -13.53 19.17 -12.28
N LEU A 204 -14.52 18.82 -13.09
CA LEU A 204 -14.49 19.28 -14.46
C LEU A 204 -14.68 20.82 -14.48
N GLN A 205 -15.25 21.39 -13.43
CA GLN A 205 -15.37 22.86 -13.30
C GLN A 205 -14.05 23.55 -13.01
N THR A 206 -13.22 22.89 -12.22
CA THR A 206 -11.94 23.41 -11.78
C THR A 206 -10.97 23.51 -12.96
N MET A 207 -11.21 22.69 -13.98
CA MET A 207 -10.31 22.60 -15.13
C MET A 207 -10.40 23.82 -16.04
N SER A 208 -9.27 24.20 -16.62
CA SER A 208 -9.21 25.26 -17.62
C SER A 208 -10.05 24.92 -18.84
N MET B 1 3.48 -22.01 18.01
CA MET B 1 3.09 -23.08 17.05
C MET B 1 4.24 -23.38 16.10
N LYS B 2 3.96 -24.14 15.05
CA LYS B 2 4.99 -24.55 14.11
C LYS B 2 5.11 -23.56 12.98
N LEU B 3 6.24 -22.88 12.94
CA LEU B 3 6.41 -21.82 11.97
C LEU B 3 7.35 -22.15 10.82
N ALA B 4 7.88 -23.37 10.77
CA ALA B 4 8.78 -23.73 9.70
C ALA B 4 8.16 -23.49 8.34
N PRO B 5 6.86 -23.74 8.18
CA PRO B 5 6.34 -23.48 6.83
C PRO B 5 6.41 -22.01 6.39
N TYR B 6 6.29 -21.09 7.34
CA TYR B 6 6.41 -19.66 7.03
C TYR B 6 7.86 -19.32 6.74
N ILE B 7 8.75 -19.86 7.55
CA ILE B 7 10.17 -19.60 7.39
C ILE B 7 10.61 -20.11 6.02
N LEU B 8 10.17 -21.30 5.67
CA LEU B 8 10.51 -21.89 4.38
C LEU B 8 10.03 -21.04 3.18
N GLU B 9 8.77 -20.62 3.21
CA GLU B 9 8.25 -19.80 2.12
C GLU B 9 8.90 -18.40 2.08
N LEU B 10 9.20 -17.80 3.23
CA LEU B 10 9.95 -16.55 3.21
C LEU B 10 11.33 -16.69 2.58
N LEU B 11 12.04 -17.76 2.91
CA LEU B 11 13.37 -17.96 2.34
C LEU B 11 13.26 -18.27 0.88
N THR B 12 12.22 -19.02 0.53
CA THR B 12 11.99 -19.35 -0.86
C THR B 12 11.85 -18.07 -1.66
N SER B 13 11.18 -17.08 -1.08
CA SER B 13 10.95 -15.82 -1.77
C SER B 13 12.26 -15.07 -2.09
N VAL B 14 13.29 -15.25 -1.26
CA VAL B 14 14.56 -14.56 -1.52
C VAL B 14 15.56 -15.43 -2.29
N ASN B 15 15.47 -16.75 -2.19
CA ASN B 15 16.46 -17.62 -2.81
C ASN B 15 16.03 -18.06 -4.21
N ARG B 16 14.88 -17.58 -4.65
CA ARG B 16 14.35 -17.95 -5.95
C ARG B 16 15.12 -17.34 -7.12
N THR B 17 15.65 -16.13 -6.93
CA THR B 17 16.44 -15.46 -7.97
C THR B 17 17.86 -15.27 -7.50
N ASN B 18 18.82 -15.69 -8.32
CA ASN B 18 20.23 -15.57 -7.96
C ASN B 18 20.57 -14.10 -7.72
N GLY B 19 20.96 -13.80 -6.49
CA GLY B 19 21.40 -12.47 -6.14
C GLY B 19 20.53 -11.76 -5.11
N THR B 20 19.23 -12.07 -5.06
CA THR B 20 18.33 -11.35 -4.14
C THR B 20 18.84 -11.30 -2.70
N ALA B 21 19.32 -12.43 -2.18
CA ALA B 21 19.87 -12.47 -0.82
C ALA B 21 21.07 -11.55 -0.67
N ASP B 22 21.99 -11.59 -1.63
CA ASP B 22 23.18 -10.75 -1.52
C ASP B 22 22.88 -9.29 -1.76
N LEU B 23 21.78 -9.01 -2.45
CA LEU B 23 21.35 -7.63 -2.62
C LEU B 23 20.58 -7.12 -1.41
N LEU B 24 19.81 -7.99 -0.76
CA LEU B 24 18.89 -7.54 0.31
C LEU B 24 19.56 -6.74 1.41
N VAL B 25 20.55 -7.32 2.07
CA VAL B 25 21.14 -6.68 3.24
C VAL B 25 21.85 -5.34 2.90
N PRO B 26 22.66 -5.31 1.83
CA PRO B 26 23.27 -4.04 1.44
C PRO B 26 22.25 -2.93 1.11
N LEU B 27 21.18 -3.28 0.41
CA LEU B 27 20.16 -2.30 0.07
C LEU B 27 19.43 -1.81 1.34
N LEU B 28 19.11 -2.71 2.28
CA LEU B 28 18.46 -2.32 3.53
C LEU B 28 19.36 -1.35 4.31
N ARG B 29 20.67 -1.61 4.30
CA ARG B 29 21.59 -0.78 5.03
C ARG B 29 21.68 0.61 4.39
N GLU B 30 21.59 0.68 3.06
CA GLU B 30 21.59 1.99 2.39
C GLU B 30 20.28 2.72 2.64
N LEU B 31 19.13 2.04 2.49
CA LEU B 31 17.86 2.69 2.74
C LEU B 31 17.79 3.18 4.17
N ALA B 32 18.49 2.51 5.09
CA ALA B 32 18.42 2.90 6.50
C ALA B 32 19.05 4.28 6.70
N LYS B 33 19.93 4.70 5.78
CA LYS B 33 20.47 6.07 5.82
C LYS B 33 19.41 7.13 5.57
N GLY B 34 18.28 6.71 4.98
CA GLY B 34 17.14 7.58 4.75
C GLY B 34 17.09 8.30 3.42
N ARG B 35 17.95 7.93 2.48
CA ARG B 35 17.97 8.59 1.18
C ARG B 35 17.76 7.62 0.02
N PRO B 36 17.19 8.10 -1.09
CA PRO B 36 17.00 7.23 -2.26
C PRO B 36 18.32 6.61 -2.74
N VAL B 37 18.25 5.41 -3.33
CA VAL B 37 19.46 4.67 -3.71
C VAL B 37 19.42 4.36 -5.20
N SER B 38 20.40 4.83 -5.97
CA SER B 38 20.37 4.54 -7.42
C SER B 38 20.89 3.17 -7.74
N ARG B 39 20.57 2.72 -8.94
CA ARG B 39 21.04 1.42 -9.37
C ARG B 39 22.57 1.37 -9.46
N THR B 40 23.22 2.44 -9.92
CA THR B 40 24.67 2.45 -10.02
C THR B 40 25.34 2.50 -8.64
N THR B 41 24.69 3.15 -7.69
CA THR B 41 25.22 3.19 -6.33
C THR B 41 25.21 1.79 -5.74
N LEU B 42 24.09 1.10 -5.92
CA LEU B 42 23.90 -0.21 -5.34
C LEU B 42 24.86 -1.17 -6.00
N ALA B 43 25.00 -1.02 -7.31
CA ALA B 43 25.89 -1.86 -8.07
C ALA B 43 27.33 -1.67 -7.57
N GLY B 44 27.66 -0.45 -7.16
CA GLY B 44 29.00 -0.15 -6.69
C GLY B 44 29.27 -0.84 -5.36
N ILE B 45 28.27 -0.79 -4.50
CA ILE B 45 28.36 -1.40 -3.17
C ILE B 45 28.49 -2.92 -3.28
N LEU B 46 27.72 -3.50 -4.19
CA LEU B 46 27.75 -4.94 -4.42
C LEU B 46 28.89 -5.44 -5.33
N ASP B 47 29.60 -4.52 -5.96
CA ASP B 47 30.59 -4.85 -7.00
C ASP B 47 29.95 -5.71 -8.09
N TRP B 48 28.75 -5.33 -8.52
CA TRP B 48 28.04 -6.02 -9.59
C TRP B 48 27.97 -5.12 -10.80
N PRO B 49 27.84 -5.69 -11.99
CA PRO B 49 27.35 -4.82 -13.08
C PRO B 49 25.90 -4.37 -12.83
N ALA B 50 25.53 -3.18 -13.32
CA ALA B 50 24.21 -2.64 -13.02
C ALA B 50 23.08 -3.52 -13.59
N GLU B 51 23.36 -4.21 -14.69
CA GLU B 51 22.37 -5.07 -15.32
C GLU B 51 21.95 -6.20 -14.38
N ARG B 52 22.88 -6.65 -13.55
CA ARG B 52 22.58 -7.68 -12.56
C ARG B 52 21.67 -7.12 -11.47
N VAL B 53 21.92 -5.90 -11.02
CA VAL B 53 21.05 -5.25 -10.06
C VAL B 53 19.67 -5.13 -10.66
N ALA B 54 19.60 -4.69 -11.91
CA ALA B 54 18.30 -4.43 -12.54
C ALA B 54 17.54 -5.74 -12.67
N ALA B 55 18.28 -6.80 -13.00
CA ALA B 55 17.68 -8.14 -13.11
C ALA B 55 17.07 -8.61 -11.79
N VAL B 56 17.80 -8.45 -10.68
CA VAL B 56 17.25 -8.82 -9.37
C VAL B 56 15.99 -8.02 -9.04
N LEU B 57 16.01 -6.70 -9.32
CA LEU B 57 14.92 -5.83 -8.95
C LEU B 57 13.69 -6.02 -9.83
N GLU B 58 13.84 -6.48 -11.07
CA GLU B 58 12.68 -6.69 -11.95
C GLU B 58 11.70 -7.67 -11.33
N GLN B 59 12.26 -8.67 -10.66
CA GLN B 59 11.48 -9.72 -10.04
C GLN B 59 10.79 -9.24 -8.76
N ALA B 60 11.25 -8.13 -8.21
CA ALA B 60 10.68 -7.58 -6.98
C ALA B 60 9.69 -6.47 -7.31
N THR B 61 8.48 -6.87 -7.65
CA THR B 61 7.49 -5.96 -8.22
C THR B 61 6.98 -4.92 -7.24
N SER B 62 7.21 -5.14 -5.96
CA SER B 62 6.69 -4.20 -4.97
C SER B 62 7.67 -3.06 -4.75
N THR B 63 8.87 -3.17 -5.32
CA THR B 63 9.92 -2.17 -5.11
C THR B 63 9.40 -0.78 -5.44
N GLU B 64 9.67 0.17 -4.54
CA GLU B 64 9.21 1.54 -4.67
C GLU B 64 10.35 2.43 -5.19
N TYR B 65 10.04 3.24 -6.18
CA TYR B 65 11.01 4.16 -6.77
C TYR B 65 10.54 5.59 -6.64
N ASP B 66 11.48 6.53 -6.61
CA ASP B 66 11.11 7.94 -6.64
C ASP B 66 11.09 8.51 -8.07
N LYS B 67 10.89 9.82 -8.15
CA LYS B 67 10.75 10.50 -9.42
C LYS B 67 11.94 10.31 -10.36
N ASP B 68 13.10 10.07 -9.80
CA ASP B 68 14.32 9.84 -10.59
C ASP B 68 14.63 8.37 -10.78
N GLY B 69 13.74 7.51 -10.33
CA GLY B 69 14.01 6.09 -10.45
C GLY B 69 14.96 5.55 -9.39
N ASN B 70 15.33 6.36 -8.42
CA ASN B 70 16.02 5.87 -7.24
C ASN B 70 15.12 4.96 -6.42
N ILE B 71 15.71 3.91 -5.88
CA ILE B 71 14.98 2.99 -5.01
C ILE B 71 14.68 3.71 -3.70
N ILE B 72 13.42 3.69 -3.28
CA ILE B 72 13.06 4.27 -1.98
C ILE B 72 12.31 3.32 -1.05
N GLY B 73 11.99 2.11 -1.53
CA GLY B 73 11.30 1.14 -0.70
C GLY B 73 11.57 -0.28 -1.14
N TYR B 74 12.06 -1.07 -0.19
CA TYR B 74 12.30 -2.49 -0.38
C TYR B 74 12.21 -3.12 0.99
N GLY B 75 10.98 -3.34 1.45
CA GLY B 75 10.73 -3.82 2.80
C GLY B 75 10.80 -2.65 3.77
N LEU B 76 11.97 -2.04 3.82
CA LEU B 76 12.17 -0.77 4.51
C LEU B 76 11.92 0.32 3.49
N THR B 77 11.20 1.38 3.88
CA THR B 77 10.83 2.36 2.88
C THR B 77 10.80 3.76 3.45
N LEU B 78 10.96 4.71 2.55
CA LEU B 78 10.93 6.13 2.91
C LEU B 78 9.50 6.65 2.81
N ARG B 79 8.65 5.92 2.11
CA ARG B 79 7.25 6.27 1.94
C ARG B 79 6.36 5.78 3.11
N GLU B 80 5.45 6.63 3.57
CA GLU B 80 4.61 6.29 4.72
C GLU B 80 3.83 5.00 4.58
N THR B 81 3.88 4.21 5.65
CA THR B 81 3.05 3.02 5.85
C THR B 81 2.49 3.04 7.29
N SER B 82 1.75 1.99 7.63
CA SER B 82 1.23 1.83 8.99
C SER B 82 2.29 1.45 10.02
N TYR B 83 3.50 1.14 9.56
CA TYR B 83 4.53 0.58 10.44
C TYR B 83 5.69 1.56 10.51
N VAL B 84 5.71 2.35 11.57
CA VAL B 84 6.75 3.33 11.75
C VAL B 84 8.01 2.66 12.33
N PHE B 85 9.14 2.97 11.71
CA PHE B 85 10.42 2.33 12.02
C PHE B 85 11.44 3.42 12.21
N GLU B 86 11.64 3.83 13.45
CA GLU B 86 12.50 4.99 13.75
C GLU B 86 13.88 4.53 14.19
N ILE B 87 14.90 5.00 13.48
CA ILE B 87 16.28 4.71 13.84
C ILE B 87 17.02 6.03 13.91
N ASP B 88 17.55 6.35 15.08
CA ASP B 88 18.37 7.55 15.31
C ASP B 88 17.93 8.78 14.53
N ASP B 89 16.87 9.41 15.00
CA ASP B 89 16.41 10.71 14.49
C ASP B 89 15.86 10.61 13.06
N ARG B 90 15.75 9.40 12.53
CA ARG B 90 15.18 9.20 11.20
C ARG B 90 13.87 8.42 11.31
N ARG B 91 12.80 8.97 10.76
CA ARG B 91 11.52 8.30 10.74
C ARG B 91 11.38 7.60 9.41
N LEU B 92 11.58 6.28 9.44
CA LEU B 92 11.40 5.43 8.27
C LEU B 92 10.16 4.57 8.48
N TYR B 93 9.86 3.73 7.49
CA TYR B 93 8.68 2.88 7.53
C TYR B 93 9.00 1.48 7.05
N ALA B 94 8.10 0.53 7.32
CA ALA B 94 8.26 -0.87 6.88
C ALA B 94 6.97 -1.36 6.25
N TRP B 95 7.09 -2.34 5.35
CA TRP B 95 5.91 -2.82 4.65
C TRP B 95 4.95 -3.64 5.51
N CYS B 96 5.45 -4.29 6.56
CA CYS B 96 4.59 -5.05 7.45
C CYS B 96 5.18 -5.25 8.81
N ALA B 97 4.39 -5.82 9.73
CA ALA B 97 4.85 -6.00 11.10
C ALA B 97 6.07 -6.90 11.21
N LEU B 98 6.10 -8.00 10.46
CA LEU B 98 7.23 -8.89 10.55
C LEU B 98 8.53 -8.23 10.07
N ASP B 99 8.43 -7.37 9.05
CA ASP B 99 9.60 -6.64 8.57
C ASP B 99 10.26 -5.88 9.73
N THR B 100 9.45 -5.26 10.58
CA THR B 100 10.02 -4.41 11.65
C THR B 100 10.81 -5.22 12.64
N LEU B 101 10.50 -6.52 12.69
CA LEU B 101 11.12 -7.46 13.62
C LEU B 101 12.42 -8.04 13.06
N ILE B 102 12.47 -8.10 11.73
CA ILE B 102 13.59 -8.70 11.02
C ILE B 102 14.72 -7.72 10.73
N PHE B 103 14.38 -6.50 10.34
CA PHE B 103 15.39 -5.57 9.85
C PHE B 103 16.48 -5.16 10.86
N PRO B 104 16.14 -4.98 12.16
CA PRO B 104 17.20 -4.46 13.04
C PRO B 104 18.46 -5.32 13.06
N ALA B 105 18.30 -6.64 13.08
CA ALA B 105 19.48 -7.54 13.09
C ALA B 105 20.28 -7.41 11.79
N LEU B 106 19.57 -7.30 10.67
CA LEU B 106 20.22 -7.18 9.38
C LEU B 106 20.98 -5.87 9.21
N ILE B 107 20.45 -4.77 9.74
CA ILE B 107 21.13 -3.49 9.56
C ILE B 107 22.04 -3.10 10.75
N GLY B 108 21.96 -3.84 11.86
CA GLY B 108 22.83 -3.61 13.00
C GLY B 108 22.42 -2.39 13.79
N ARG B 109 21.11 -2.14 13.86
CA ARG B 109 20.57 -1.00 14.59
C ARG B 109 19.40 -1.39 15.47
N THR B 110 19.15 -0.58 16.48
CA THR B 110 17.98 -0.75 17.30
C THR B 110 16.91 0.23 16.83
N ALA B 111 15.69 -0.26 16.66
CA ALA B 111 14.62 0.53 16.10
C ALA B 111 13.49 0.72 17.09
N ARG B 112 12.92 1.93 17.10
CA ARG B 112 11.69 2.19 17.82
C ARG B 112 10.52 2.07 16.84
N VAL B 113 9.72 1.03 17.06
CA VAL B 113 8.68 0.65 16.13
C VAL B 113 7.32 1.04 16.69
N SER B 114 6.44 1.58 15.84
CA SER B 114 5.08 1.85 16.31
C SER B 114 4.07 1.68 15.22
N SER B 115 2.84 1.38 15.61
CA SER B 115 1.75 1.15 14.68
C SER B 115 0.40 1.29 15.41
N HIS B 116 -0.66 0.80 14.78
CA HIS B 116 -1.96 0.66 15.43
C HIS B 116 -2.49 -0.76 15.25
N CYS B 117 -3.21 -1.25 16.25
CA CYS B 117 -3.82 -2.58 16.19
C CYS B 117 -4.74 -2.62 15.00
N ALA B 118 -4.60 -3.65 14.16
CA ALA B 118 -5.41 -3.74 12.96
C ALA B 118 -6.87 -4.07 13.22
N ALA B 119 -7.17 -4.57 14.41
CA ALA B 119 -8.54 -4.91 14.76
C ALA B 119 -9.26 -3.75 15.45
N THR B 120 -8.51 -2.99 16.24
CA THR B 120 -9.16 -2.03 17.17
C THR B 120 -8.65 -0.61 17.03
N GLY B 121 -7.54 -0.43 16.33
CA GLY B 121 -6.98 0.89 16.15
C GLY B 121 -6.14 1.36 17.33
N ALA B 122 -6.06 0.55 18.39
CA ALA B 122 -5.27 0.95 19.56
C ALA B 122 -3.79 1.11 19.23
N PRO B 123 -3.14 2.15 19.74
CA PRO B 123 -1.70 2.29 19.50
C PRO B 123 -0.88 1.12 20.08
N VAL B 124 0.15 0.72 19.32
CA VAL B 124 1.10 -0.29 19.75
C VAL B 124 2.52 0.19 19.50
N SER B 125 3.45 -0.21 20.35
CA SER B 125 4.82 0.16 20.12
C SER B 125 5.75 -0.83 20.80
N LEU B 126 6.97 -0.88 20.31
CA LEU B 126 8.00 -1.73 20.90
C LEU B 126 9.34 -1.29 20.37
N THR B 127 10.38 -1.69 21.10
CA THR B 127 11.75 -1.48 20.68
C THR B 127 12.31 -2.81 20.18
N VAL B 128 12.82 -2.79 18.97
CA VAL B 128 13.39 -3.98 18.34
C VAL B 128 14.88 -3.84 18.15
N SER B 129 15.68 -4.68 18.83
CA SER B 129 17.12 -4.70 18.64
C SER B 129 17.55 -5.91 17.84
N PRO B 130 18.85 -6.03 17.54
CA PRO B 130 19.27 -7.23 16.82
C PRO B 130 18.98 -8.57 17.54
N SER B 131 18.92 -8.57 18.87
CA SER B 131 18.80 -9.82 19.60
C SER B 131 17.48 -10.00 20.34
N GLU B 132 16.69 -8.94 20.50
CA GLU B 132 15.47 -9.05 21.29
C GLU B 132 14.47 -7.92 21.06
N ILE B 133 13.26 -8.10 21.56
CA ILE B 133 12.31 -6.99 21.65
C ILE B 133 12.13 -6.57 23.08
N GLN B 134 11.91 -5.27 23.25
CA GLN B 134 11.76 -4.68 24.58
C GLN B 134 10.64 -3.65 24.55
N ALA B 135 10.23 -3.20 25.73
CA ALA B 135 9.17 -2.20 25.89
C ALA B 135 7.93 -2.52 25.04
N VAL B 136 7.50 -3.77 25.10
CA VAL B 136 6.36 -4.20 24.31
C VAL B 136 5.06 -3.65 24.93
N GLU B 137 4.41 -2.74 24.21
CA GLU B 137 3.24 -2.01 24.71
C GLU B 137 2.11 -2.05 23.68
N PRO B 138 1.02 -2.75 24.00
CA PRO B 138 0.68 -3.55 25.18
C PRO B 138 1.47 -4.84 25.28
N ALA B 139 1.64 -5.37 26.49
CA ALA B 139 2.48 -6.55 26.67
C ALA B 139 1.98 -7.76 25.86
N GLY B 140 0.67 -7.84 25.66
CA GLY B 140 0.07 -8.99 24.99
C GLY B 140 0.02 -8.86 23.48
N MET B 141 0.80 -7.94 22.93
CA MET B 141 0.79 -7.66 21.49
C MET B 141 0.95 -8.92 20.67
N ALA B 142 0.24 -8.95 19.54
CA ALA B 142 0.23 -10.10 18.66
C ALA B 142 0.51 -9.67 17.24
N VAL B 143 0.80 -10.68 16.42
CA VAL B 143 1.07 -10.52 14.99
C VAL B 143 0.28 -11.53 14.20
N SER B 144 -0.23 -11.11 13.04
CA SER B 144 -0.84 -12.05 12.10
C SER B 144 0.18 -12.48 11.04
N LEU B 145 0.12 -13.75 10.68
CA LEU B 145 0.94 -14.34 9.63
C LEU B 145 0.06 -14.96 8.56
N VAL B 146 0.49 -14.92 7.31
CA VAL B 146 -0.10 -15.75 6.25
C VAL B 146 1.04 -16.48 5.54
N LEU B 147 0.72 -17.51 4.78
CA LEU B 147 1.77 -18.19 4.04
C LEU B 147 2.14 -17.34 2.84
N PRO B 148 3.44 -17.01 2.69
CA PRO B 148 3.84 -16.31 1.48
C PRO B 148 3.47 -17.10 0.24
N GLN B 149 3.06 -16.41 -0.82
CA GLN B 149 2.64 -17.08 -2.05
C GLN B 149 3.75 -16.92 -3.07
N GLU B 150 4.33 -18.05 -3.54
CA GLU B 150 5.49 -17.94 -4.39
C GLU B 150 5.11 -17.27 -5.71
N ALA B 151 6.00 -16.38 -6.15
CA ALA B 151 5.89 -15.63 -7.39
C ALA B 151 4.82 -14.54 -7.37
N ALA B 152 4.05 -14.44 -6.31
CA ALA B 152 3.05 -13.37 -6.20
C ALA B 152 3.66 -12.05 -5.70
N ASP B 153 2.95 -10.95 -5.92
CA ASP B 153 3.42 -9.66 -5.43
C ASP B 153 3.47 -9.74 -3.91
N VAL B 154 4.63 -9.47 -3.32
CA VAL B 154 4.79 -9.70 -1.90
C VAL B 154 3.93 -8.77 -1.05
N ARG B 155 3.75 -7.53 -1.49
CA ARG B 155 2.96 -6.60 -0.68
C ARG B 155 1.49 -7.03 -0.68
N GLN B 156 0.99 -7.47 -1.82
CA GLN B 156 -0.42 -7.83 -1.85
C GLN B 156 -0.73 -9.24 -1.31
N SER B 157 0.21 -10.18 -1.44
CA SER B 157 -0.06 -11.52 -0.97
C SER B 157 0.35 -11.75 0.48
N PHE B 158 1.31 -10.99 0.99
CA PHE B 158 1.86 -11.26 2.31
C PHE B 158 1.76 -10.02 3.22
N CYS B 159 2.50 -8.98 2.87
CA CYS B 159 2.69 -7.86 3.78
C CYS B 159 1.38 -7.23 4.25
N CYS B 160 0.42 -7.09 3.33
N CYS B 160 0.42 -7.09 3.33
CA CYS B 160 -0.81 -6.37 3.69
CA CYS B 160 -0.84 -6.40 3.65
C CYS B 160 -1.70 -7.17 4.63
C CYS B 160 -1.71 -7.17 4.64
N HIS B 161 -1.32 -8.40 4.95
CA HIS B 161 -2.04 -9.24 5.90
C HIS B 161 -1.30 -9.50 7.19
N VAL B 162 -0.12 -8.90 7.33
CA VAL B 162 0.76 -9.17 8.46
C VAL B 162 0.83 -7.91 9.34
N HIS B 163 -0.01 -7.89 10.37
CA HIS B 163 -0.28 -6.72 11.17
C HIS B 163 0.14 -6.93 12.62
N PHE B 164 0.21 -5.82 13.38
CA PHE B 164 0.24 -5.91 14.83
C PHE B 164 -1.20 -5.83 15.36
N PHE B 165 -1.43 -6.48 16.49
CA PHE B 165 -2.70 -6.43 17.22
C PHE B 165 -2.45 -6.19 18.68
N ALA B 166 -3.42 -5.58 19.35
CA ALA B 166 -3.25 -5.28 20.77
C ALA B 166 -3.14 -6.52 21.68
N SER B 167 -3.78 -7.62 21.29
CA SER B 167 -3.73 -8.85 22.07
C SER B 167 -3.98 -10.04 21.18
N VAL B 168 -3.61 -11.22 21.67
CA VAL B 168 -3.83 -12.44 20.91
C VAL B 168 -5.33 -12.74 20.75
N PRO B 169 -6.13 -12.59 21.83
CA PRO B 169 -7.55 -12.86 21.60
C PRO B 169 -8.21 -11.87 20.64
N THR B 170 -7.77 -10.63 20.70
CA THR B 170 -8.28 -9.64 19.78
C THR B 170 -7.93 -10.05 18.37
N ALA B 171 -6.69 -10.48 18.18
CA ALA B 171 -6.24 -10.91 16.87
C ALA B 171 -6.97 -12.18 16.37
N GLU B 172 -7.25 -13.11 17.28
CA GLU B 172 -7.99 -14.33 16.93
C GLU B 172 -9.46 -14.05 16.56
N ASP B 173 -10.06 -13.04 17.19
CA ASP B 173 -11.41 -12.65 16.83
C ASP B 173 -11.40 -12.08 15.42
N TRP B 174 -10.41 -11.24 15.15
CA TRP B 174 -10.21 -10.70 13.81
C TRP B 174 -9.96 -11.82 12.80
N ALA B 175 -9.05 -12.74 13.13
CA ALA B 175 -8.72 -13.82 12.20
C ALA B 175 -9.94 -14.66 11.83
N SER B 176 -10.86 -14.80 12.78
CA SER B 176 -12.07 -15.62 12.53
C SER B 176 -12.90 -15.05 11.37
N LYS B 177 -12.81 -13.74 11.12
CA LYS B 177 -13.48 -13.13 9.98
C LYS B 177 -12.67 -13.10 8.68
N HIS B 178 -11.48 -13.68 8.65
CA HIS B 178 -10.64 -13.67 7.44
C HIS B 178 -10.08 -15.03 7.07
N GLN B 179 -10.93 -16.05 7.15
CA GLN B 179 -10.48 -17.43 7.00
C GLN B 179 -10.19 -17.84 5.56
N GLY B 180 -10.46 -16.92 4.62
CA GLY B 180 -10.08 -17.08 3.22
C GLY B 180 -8.60 -16.79 2.93
N LEU B 181 -7.88 -16.27 3.91
CA LEU B 181 -6.43 -16.05 3.74
C LEU B 181 -5.64 -17.35 3.99
N GLU B 182 -4.78 -17.74 3.06
CA GLU B 182 -4.08 -19.00 3.19
C GLU B 182 -3.05 -19.00 4.32
N GLY B 183 -3.20 -19.96 5.23
CA GLY B 183 -2.28 -20.14 6.33
C GLY B 183 -2.40 -19.04 7.36
N LEU B 184 -3.55 -18.39 7.43
CA LEU B 184 -3.68 -17.32 8.43
C LEU B 184 -3.50 -17.86 9.85
N ALA B 185 -2.64 -17.19 10.62
CA ALA B 185 -2.35 -17.61 11.98
C ALA B 185 -1.98 -16.44 12.84
N ILE B 186 -2.29 -16.54 14.13
CA ILE B 186 -1.97 -15.50 15.09
C ILE B 186 -0.89 -15.98 16.02
N VAL B 187 0.13 -15.17 16.19
CA VAL B 187 1.19 -15.47 17.15
C VAL B 187 1.43 -14.25 18.04
N SER B 188 2.05 -14.51 19.19
CA SER B 188 2.51 -13.43 20.04
C SER B 188 3.63 -12.72 19.35
N VAL B 189 3.88 -11.47 19.68
CA VAL B 189 4.95 -10.78 19.01
C VAL B 189 6.32 -11.43 19.35
N HIS B 190 6.47 -12.04 20.52
CA HIS B 190 7.72 -12.70 20.82
C HIS B 190 7.92 -13.90 19.88
N GLU B 191 6.85 -14.63 19.58
CA GLU B 191 6.96 -15.76 18.64
C GLU B 191 7.29 -15.25 17.23
N ALA B 192 6.69 -14.12 16.83
CA ALA B 192 6.96 -13.54 15.52
C ALA B 192 8.40 -13.08 15.44
N PHE B 193 8.94 -12.56 16.54
CA PHE B 193 10.34 -12.16 16.52
C PHE B 193 11.25 -13.37 16.34
N GLY B 194 10.88 -14.47 16.97
CA GLY B 194 11.63 -15.72 16.80
C GLY B 194 11.65 -16.22 15.37
N LEU B 195 10.50 -16.13 14.72
CA LEU B 195 10.39 -16.42 13.30
C LEU B 195 11.41 -15.59 12.52
N GLY B 196 11.43 -14.29 12.79
CA GLY B 196 12.37 -13.40 12.11
C GLY B 196 13.83 -13.82 12.34
N GLN B 197 14.12 -14.29 13.55
CA GLN B 197 15.48 -14.68 13.88
C GLN B 197 15.85 -15.92 13.08
N GLU B 198 14.89 -16.83 12.93
CA GLU B 198 15.11 -18.04 12.12
C GLU B 198 15.34 -17.67 10.68
N PHE B 199 14.52 -16.75 10.16
CA PHE B 199 14.68 -16.27 8.79
C PHE B 199 16.10 -15.71 8.60
N ASN B 200 16.51 -14.86 9.52
CA ASN B 200 17.79 -14.20 9.38
C ASN B 200 18.95 -15.20 9.46
N ARG B 201 18.85 -16.16 10.37
CA ARG B 201 19.91 -17.15 10.54
C ARG B 201 20.10 -17.95 9.26
N HIS B 202 19.01 -18.29 8.60
CA HIS B 202 19.13 -18.99 7.33
C HIS B 202 19.58 -18.08 6.19
N LEU B 203 19.03 -16.88 6.11
CA LEU B 203 19.43 -15.92 5.07
C LEU B 203 20.93 -15.73 5.06
N LEU B 204 21.51 -15.54 6.24
CA LEU B 204 22.92 -15.23 6.30
C LEU B 204 23.77 -16.40 5.80
N GLN B 205 23.29 -17.63 5.96
CA GLN B 205 24.05 -18.79 5.47
C GLN B 205 24.12 -18.87 3.97
N THR B 206 23.16 -18.24 3.30
CA THR B 206 23.00 -18.42 1.86
C THR B 206 23.61 -17.27 1.09
N MET B 207 24.12 -16.28 1.81
CA MET B 207 24.76 -15.14 1.18
C MET B 207 26.17 -15.48 0.70
N SER B 208 26.48 -15.00 -0.50
CA SER B 208 27.78 -15.21 -1.12
C SER B 208 28.89 -14.51 -0.32
SN1 ZN5 C . -8.59 9.37 -5.57
BR BR D . -23.68 17.86 5.89
C ACT E . -8.52 0.07 8.25
O ACT E . -8.62 -1.16 8.05
OXT ACT E . -8.84 0.82 7.33
CH3 ACT E . -8.05 0.64 9.56
H1 ACT E . -8.04 1.73 9.51
H2 ACT E . -8.71 0.32 10.35
H3 ACT E . -7.04 0.27 9.77
SN1 ZN5 F . 9.95 -8.77 4.17
C ACT G . -6.49 -7.79 6.07
O ACT G . -5.34 -8.17 6.21
OXT ACT G . -6.77 -6.70 6.59
CH3 ACT G . -7.50 -8.61 5.35
H1 ACT G . -8.46 -8.10 5.36
H2 ACT G . -7.61 -9.58 5.83
H3 ACT G . -7.19 -8.74 4.31
#